data_4II9
#
_entry.id   4II9
#
_cell.length_a   42.130
_cell.length_b   101.770
_cell.length_c   46.320
_cell.angle_alpha   90.00
_cell.angle_beta   102.60
_cell.angle_gamma   90.00
#
_symmetry.space_group_name_H-M   'P 1 21 1'
#
loop_
_entity.id
_entity.type
_entity.pdbx_description
1 polymer FemX
2 polymer '5-mer peptide'
3 polymer "RNA (5'-R(P*CP*CP*(A9Z))-3')"
4 non-polymer GLYCEROL
5 non-polymer "URIDINE-5'-DIPHOSPHATE"
6 non-polymer 'N-acetyl-alpha-muramic acid'
7 water water
#
loop_
_entity_poly.entity_id
_entity_poly.type
_entity_poly.pdbx_seq_one_letter_code
_entity_poly.pdbx_strand_id
1 'polypeptide(L)'
;MPVLNLNDPQAVERYEEFMRQSPYGQVTQDLGWAKVKNNWEPVDVYLEDDQGAIIAAMSMLLGDTPTDKKFAYASKGPVM
DVTDVDLLDRLVDEAVKALDGRAYVLRFDPEVAYSDEFNTTLQDHGYVTRNRNVADAGMHATIQPRLNMVLDLTKFPDAK
TTLDLYPSKTKSKIKRPFRDGVEVHSGNSATELDEFFKTYTTMAERHGITHRPIEYFQRMQAAFDADTMRIFVAEREGKL
LSTGIALKYGRKIWYMYAGSMDGNTYYAPYAVQSEMIQWALDTNTDLYDLGGIESESTDDSLYVFKHVFVKDAPREYIGE
IDKVLDPEVYAELVKDGHHHHHH
;
A
2 'polypeptide(L)' A(FGA)C(DAL)(DAL) B
3 'polyribonucleotide' CC(A9Z) C
#
# COMPACT_ATOMS: atom_id res chain seq x y z
N PRO A 2 22.22 -1.98 12.03
CA PRO A 2 22.34 -0.69 12.76
C PRO A 2 21.05 0.06 12.71
N VAL A 3 20.99 1.13 13.51
CA VAL A 3 19.82 2.00 13.51
C VAL A 3 20.24 3.20 12.69
N LEU A 4 19.28 3.72 11.92
CA LEU A 4 19.53 4.85 11.08
C LEU A 4 19.39 6.14 11.87
N ASN A 5 20.43 6.94 11.76
CA ASN A 5 20.43 8.30 12.32
C ASN A 5 19.74 9.24 11.34
N LEU A 6 18.48 9.60 11.66
CA LEU A 6 17.67 10.42 10.72
C LEU A 6 18.21 11.84 10.54
N ASN A 7 19.12 12.21 11.44
CA ASN A 7 19.80 13.48 11.30
C ASN A 7 21.07 13.50 10.44
N ASP A 8 21.47 12.38 9.86
CA ASP A 8 22.69 12.33 9.05
C ASP A 8 22.21 12.17 7.60
N PRO A 9 22.22 13.27 6.78
CA PRO A 9 21.60 13.15 5.45
C PRO A 9 22.30 12.11 4.57
N GLN A 10 23.60 11.92 4.70
CA GLN A 10 24.31 10.92 3.88
C GLN A 10 23.80 9.50 4.23
N ALA A 11 23.63 9.20 5.51
CA ALA A 11 23.08 7.88 5.91
C ALA A 11 21.66 7.74 5.36
N VAL A 12 20.91 8.82 5.53
CA VAL A 12 19.50 8.79 5.11
C VAL A 12 19.44 8.54 3.60
N GLU A 13 20.34 9.21 2.86
CA GLU A 13 20.36 9.01 1.39
C GLU A 13 20.78 7.58 0.99
N ARG A 14 21.73 7.00 1.77
CA ARG A 14 22.16 5.64 1.50
C ARG A 14 20.97 4.67 1.77
N TYR A 15 20.23 4.91 2.85
CA TYR A 15 19.06 4.06 3.16
C TYR A 15 17.99 4.22 2.07
N GLU A 16 17.69 5.49 1.68
CA GLU A 16 16.70 5.70 0.57
C GLU A 16 17.12 5.03 -0.71
N GLU A 17 18.39 5.07 -1.03
CA GLU A 17 18.81 4.46 -2.30
C GLU A 17 18.59 3.01 -2.29
N PHE A 18 18.90 2.34 -1.17
CA PHE A 18 18.51 0.95 -1.05
C PHE A 18 17.01 0.70 -1.23
N MET A 19 16.21 1.47 -0.51
CA MET A 19 14.75 1.33 -0.60
C MET A 19 14.23 1.52 -2.05
N ARG A 20 14.70 2.58 -2.69
CA ARG A 20 14.18 2.93 -4.02
C ARG A 20 14.55 1.93 -5.08
N GLN A 21 15.65 1.24 -4.92
CA GLN A 21 16.18 0.33 -5.95
C GLN A 21 15.84 -1.14 -5.67
N SER A 22 15.29 -1.46 -4.46
CA SER A 22 15.09 -2.87 -4.09
C SER A 22 13.88 -3.38 -4.85
N PRO A 23 13.94 -4.63 -5.32
CA PRO A 23 12.65 -5.23 -5.84
C PRO A 23 11.55 -5.37 -4.82
N TYR A 24 11.88 -5.30 -3.52
CA TYR A 24 10.91 -5.42 -2.43
C TYR A 24 10.49 -4.04 -1.86
N GLY A 25 10.92 -2.97 -2.50
CA GLY A 25 10.61 -1.57 -2.04
C GLY A 25 9.12 -1.37 -2.02
N GLN A 26 8.69 -0.56 -1.04
CA GLN A 26 7.26 -0.24 -0.86
C GLN A 26 7.23 1.25 -0.45
N VAL A 27 6.25 1.96 -0.97
CA VAL A 27 6.17 3.39 -0.62
C VAL A 27 5.96 3.58 0.91
N THR A 28 5.24 2.62 1.51
CA THR A 28 4.97 2.75 2.98
C THR A 28 6.19 2.37 3.81
N GLN A 29 7.26 1.92 3.13
CA GLN A 29 8.56 1.77 3.86
C GLN A 29 9.56 2.87 3.52
N ASP A 30 9.24 3.77 2.56
CA ASP A 30 10.11 4.87 2.31
C ASP A 30 10.13 5.80 3.54
N LEU A 31 11.23 6.54 3.72
CA LEU A 31 11.26 7.44 4.86
C LEU A 31 10.29 8.62 4.67
N GLY A 32 9.82 8.82 3.47
CA GLY A 32 8.85 9.94 3.24
C GLY A 32 7.53 9.52 3.84
N TRP A 33 7.27 8.22 4.08
CA TRP A 33 6.00 7.78 4.71
C TRP A 33 5.89 8.30 6.14
N ALA A 34 7.05 8.48 6.78
CA ALA A 34 7.07 9.01 8.15
C ALA A 34 6.65 10.45 8.12
N LYS A 35 6.87 11.12 7.01
CA LYS A 35 6.42 12.56 6.89
C LYS A 35 4.89 12.60 6.75
N VAL A 36 4.34 11.64 6.03
CA VAL A 36 2.86 11.51 5.91
C VAL A 36 2.31 11.19 7.28
N LYS A 37 2.90 10.18 7.91
CA LYS A 37 2.38 9.70 9.25
C LYS A 37 3.02 10.49 10.38
N ASN A 38 2.78 11.84 10.37
CA ASN A 38 3.51 12.73 11.24
C ASN A 38 3.12 12.66 12.71
N ASN A 39 2.08 11.93 13.04
CA ASN A 39 1.67 11.66 14.33
C ASN A 39 2.24 10.37 14.89
N TRP A 40 3.17 9.76 14.11
CA TRP A 40 3.88 8.54 14.60
C TRP A 40 5.32 8.86 14.69
N GLU A 41 6.07 8.05 15.47
CA GLU A 41 7.50 8.36 15.64
C GLU A 41 8.31 7.38 14.83
N PRO A 42 9.27 7.85 14.05
CA PRO A 42 9.99 6.90 13.17
C PRO A 42 11.23 6.29 13.85
N VAL A 43 11.45 4.98 13.58
CA VAL A 43 12.66 4.26 14.08
C VAL A 43 12.97 3.33 12.87
N ASP A 44 14.15 3.47 12.32
CA ASP A 44 14.45 2.69 11.09
C ASP A 44 15.73 1.92 11.32
N VAL A 45 15.74 0.68 10.84
CA VAL A 45 17.00 -0.13 11.00
C VAL A 45 17.35 -0.85 9.72
N TYR A 46 18.59 -1.32 9.64
CA TYR A 46 19.02 -2.00 8.41
C TYR A 46 20.13 -3.01 8.77
N LEU A 47 20.39 -3.93 7.85
CA LEU A 47 21.61 -4.80 7.92
C LEU A 47 22.46 -4.60 6.70
N GLU A 48 23.74 -4.91 6.87
CA GLU A 48 24.73 -4.72 5.77
C GLU A 48 25.36 -6.05 5.47
N ASP A 49 25.83 -6.22 4.23
CA ASP A 49 26.62 -7.40 3.89
C ASP A 49 28.06 -7.20 4.32
N ASP A 50 28.91 -8.16 3.92
CA ASP A 50 30.35 -8.10 4.16
C ASP A 50 31.09 -6.86 3.71
N GLN A 51 30.56 -6.19 2.69
CA GLN A 51 31.21 -5.06 2.06
C GLN A 51 30.64 -3.74 2.58
N GLY A 52 29.70 -3.86 3.50
CA GLY A 52 29.16 -2.71 4.14
C GLY A 52 27.96 -2.17 3.35
N ALA A 53 27.51 -2.82 2.29
CA ALA A 53 26.31 -2.39 1.51
C ALA A 53 25.03 -2.76 2.26
N ILE A 54 23.97 -1.93 2.18
CA ILE A 54 22.72 -2.38 2.82
C ILE A 54 22.12 -3.56 2.07
N ILE A 55 21.72 -4.56 2.83
CA ILE A 55 21.04 -5.67 2.21
C ILE A 55 19.59 -5.88 2.67
N ALA A 56 19.20 -5.21 3.75
CA ALA A 56 17.82 -5.36 4.21
C ALA A 56 17.48 -4.14 5.04
N ALA A 57 16.21 -3.73 5.07
CA ALA A 57 15.90 -2.47 5.84
C ALA A 57 14.49 -2.52 6.35
N MET A 58 14.22 -1.92 7.50
CA MET A 58 12.88 -1.97 8.09
C MET A 58 12.56 -0.59 8.64
N SER A 59 11.54 0.07 8.08
CA SER A 59 11.15 1.42 8.53
C SER A 59 9.96 1.19 9.46
N MET A 60 10.11 1.62 10.73
CA MET A 60 9.03 1.41 11.69
C MET A 60 8.46 2.78 12.06
N LEU A 61 7.18 2.77 12.41
CA LEU A 61 6.48 3.94 12.97
C LEU A 61 5.83 3.47 14.24
N LEU A 62 6.02 4.29 15.32
CA LEU A 62 5.52 3.90 16.62
C LEU A 62 4.34 4.80 16.97
N GLY A 63 3.32 4.11 17.42
CA GLY A 63 2.04 4.73 17.73
C GLY A 63 1.64 4.55 19.16
N ASP A 64 0.85 5.54 19.63
CA ASP A 64 0.38 5.45 21.02
C ASP A 64 -0.67 4.39 21.21
N THR A 65 -0.77 3.98 22.48
CA THR A 65 -1.79 3.02 22.87
C THR A 65 -2.36 3.43 24.25
N PRO A 66 -3.44 2.75 24.67
CA PRO A 66 -3.95 3.13 26.04
C PRO A 66 -3.19 2.50 27.21
N THR A 67 -2.01 1.98 26.92
CA THR A 67 -1.09 1.46 27.90
C THR A 67 0.20 2.24 27.90
N ASP A 68 1.16 1.80 28.76
CA ASP A 68 2.39 2.59 28.74
C ASP A 68 3.37 2.16 27.61
N LYS A 69 2.95 1.29 26.70
CA LYS A 69 3.86 0.84 25.65
C LYS A 69 3.37 1.37 24.28
N LYS A 70 4.31 1.51 23.35
CA LYS A 70 4.00 1.93 21.98
C LYS A 70 3.73 0.68 21.11
N PHE A 71 3.01 0.93 20.02
CA PHE A 71 2.74 -0.04 19.01
C PHE A 71 3.75 0.25 17.89
N ALA A 72 4.64 -0.69 17.55
CA ALA A 72 5.65 -0.42 16.47
C ALA A 72 5.22 -1.22 15.24
N TYR A 73 5.15 -0.47 14.14
CA TYR A 73 4.50 -1.01 12.91
C TYR A 73 5.37 -0.69 11.69
N ALA A 74 5.73 -1.71 10.91
CA ALA A 74 6.53 -1.52 9.71
C ALA A 74 5.62 -1.93 8.51
N SER A 75 4.89 -0.89 8.04
CA SER A 75 3.78 -1.12 7.04
C SER A 75 4.36 -1.62 5.71
N LYS A 76 3.88 -2.81 5.33
CA LYS A 76 4.30 -3.52 4.11
C LYS A 76 5.81 -3.74 4.10
N GLY A 77 6.43 -3.76 5.29
CA GLY A 77 7.86 -4.04 5.34
C GLY A 77 8.04 -5.46 5.97
N PRO A 78 9.29 -5.88 6.15
CA PRO A 78 10.47 -5.15 5.83
C PRO A 78 10.78 -5.25 4.35
N VAL A 79 11.86 -4.58 3.96
CA VAL A 79 12.34 -4.50 2.55
C VAL A 79 13.55 -5.46 2.46
N MET A 80 13.17 -6.63 1.96
CA MET A 80 14.09 -7.78 1.83
C MET A 80 13.20 -8.93 1.43
N ASP A 81 13.78 -10.14 1.27
CA ASP A 81 12.94 -11.29 0.99
C ASP A 81 12.47 -11.96 2.32
N VAL A 82 11.27 -11.66 2.80
CA VAL A 82 10.83 -12.10 4.15
C VAL A 82 10.77 -13.61 4.28
N THR A 83 10.78 -14.33 3.14
CA THR A 83 10.76 -15.82 3.23
C THR A 83 12.15 -16.36 3.61
N ASP A 84 13.16 -15.53 3.57
CA ASP A 84 14.58 -15.82 4.08
C ASP A 84 14.48 -15.58 5.57
N VAL A 85 13.88 -16.53 6.30
CA VAL A 85 13.45 -16.27 7.71
C VAL A 85 14.65 -16.09 8.63
N ASP A 86 15.78 -16.72 8.36
CA ASP A 86 16.93 -16.42 9.18
C ASP A 86 17.49 -15.01 9.04
N LEU A 87 17.53 -14.48 7.81
CA LEU A 87 17.84 -13.12 7.59
C LEU A 87 16.73 -12.18 8.23
N LEU A 88 15.47 -12.58 8.09
CA LEU A 88 14.35 -11.76 8.72
C LEU A 88 14.64 -11.69 10.23
N ASP A 89 14.99 -12.83 10.84
CA ASP A 89 15.25 -12.75 12.31
C ASP A 89 16.37 -11.83 12.67
N ARG A 90 17.43 -11.79 11.86
CA ARG A 90 18.48 -10.93 12.15
C ARG A 90 18.04 -9.43 12.07
N LEU A 91 17.21 -9.14 11.06
CA LEU A 91 16.79 -7.71 10.89
C LEU A 91 15.84 -7.34 12.02
N VAL A 92 14.96 -8.26 12.36
CA VAL A 92 14.06 -8.04 13.47
C VAL A 92 14.84 -7.86 14.76
N ASP A 93 15.93 -8.62 14.99
CA ASP A 93 16.67 -8.44 16.23
C ASP A 93 17.22 -7.06 16.26
N GLU A 94 17.67 -6.51 15.12
CA GLU A 94 18.17 -5.14 15.06
C GLU A 94 17.04 -4.15 15.42
N ALA A 95 15.85 -4.42 14.83
CA ALA A 95 14.68 -3.54 15.14
C ALA A 95 14.33 -3.53 16.60
N VAL A 96 14.28 -4.75 17.18
CA VAL A 96 14.00 -4.87 18.65
C VAL A 96 15.05 -4.10 19.51
N LYS A 97 16.34 -4.15 19.19
CA LYS A 97 17.37 -3.39 19.92
C LYS A 97 17.07 -1.88 19.83
N ALA A 98 16.70 -1.41 18.64
CA ALA A 98 16.37 -0.01 18.43
C ALA A 98 15.16 0.46 19.18
N LEU A 99 14.16 -0.40 19.30
CA LEU A 99 12.92 -0.06 20.03
C LEU A 99 13.24 0.10 21.50
N ASP A 100 14.27 -0.62 22.01
CA ASP A 100 14.69 -0.41 23.42
C ASP A 100 13.60 -0.52 24.49
N GLY A 101 12.76 -1.54 24.34
CA GLY A 101 11.71 -1.93 25.33
C GLY A 101 10.56 -0.99 25.38
N ARG A 102 10.48 -0.07 24.41
CA ARG A 102 9.36 0.91 24.37
C ARG A 102 8.07 0.44 23.81
N ALA A 103 8.14 -0.64 23.00
CA ALA A 103 6.92 -1.15 22.27
C ALA A 103 6.50 -2.49 22.78
N TYR A 104 5.24 -2.80 22.68
CA TYR A 104 4.81 -4.12 23.11
C TYR A 104 4.89 -5.16 22.00
N VAL A 105 4.95 -4.66 20.74
CA VAL A 105 4.92 -5.58 19.57
C VAL A 105 5.65 -4.81 18.50
N LEU A 106 6.29 -5.57 17.60
CA LEU A 106 6.71 -5.07 16.30
C LEU A 106 5.94 -5.86 15.28
N ARG A 107 5.03 -5.18 14.54
CA ARG A 107 4.15 -5.85 13.54
C ARG A 107 4.66 -5.46 12.14
N PHE A 108 4.77 -6.44 11.22
CA PHE A 108 5.01 -6.13 9.80
C PHE A 108 4.11 -6.98 8.95
N ASP A 109 3.69 -6.45 7.78
CA ASP A 109 2.66 -7.07 6.99
C ASP A 109 3.08 -7.03 5.51
N PRO A 110 4.13 -7.78 5.17
CA PRO A 110 4.75 -7.74 3.85
C PRO A 110 3.86 -8.32 2.76
N GLU A 111 4.01 -7.78 1.55
CA GLU A 111 3.22 -8.29 0.40
C GLU A 111 3.79 -9.53 -0.18
N VAL A 112 3.73 -10.57 0.60
CA VAL A 112 4.17 -11.91 0.21
C VAL A 112 3.04 -12.87 0.37
N ALA A 113 2.88 -13.83 -0.59
CA ALA A 113 1.79 -14.69 -0.54
C ALA A 113 1.65 -15.52 0.77
N TYR A 114 0.42 -15.74 1.20
CA TYR A 114 0.13 -16.69 2.29
C TYR A 114 0.54 -18.13 1.77
N SER A 115 1.24 -18.90 2.58
CA SER A 115 1.27 -20.36 2.38
C SER A 115 1.28 -20.98 3.73
N ASP A 116 0.86 -22.23 3.75
CA ASP A 116 0.97 -23.00 5.02
C ASP A 116 2.41 -23.16 5.45
N GLU A 117 3.32 -23.52 4.56
CA GLU A 117 4.72 -23.69 4.98
C GLU A 117 5.33 -22.40 5.53
N PHE A 118 5.02 -21.23 4.91
CA PHE A 118 5.64 -20.00 5.41
C PHE A 118 4.95 -19.59 6.71
N ASN A 119 3.64 -19.80 6.80
CA ASN A 119 2.99 -19.51 8.13
C ASN A 119 3.58 -20.34 9.26
N THR A 120 3.82 -21.61 8.96
CA THR A 120 4.26 -22.53 10.02
C THR A 120 5.71 -22.18 10.36
N THR A 121 6.57 -21.86 9.36
CA THR A 121 7.91 -21.41 9.63
C THR A 121 7.96 -20.20 10.56
N LEU A 122 7.11 -19.22 10.24
CA LEU A 122 7.15 -18.02 11.07
C LEU A 122 6.79 -18.32 12.54
N GLN A 123 5.79 -19.16 12.67
CA GLN A 123 5.31 -19.56 14.00
C GLN A 123 6.38 -20.38 14.69
N ASP A 124 7.10 -21.24 13.93
CA ASP A 124 8.24 -21.95 14.52
C ASP A 124 9.33 -21.07 15.04
N HIS A 125 9.49 -19.86 14.42
CA HIS A 125 10.47 -18.91 14.77
C HIS A 125 10.02 -17.90 15.83
N GLY A 126 8.86 -18.16 16.42
CA GLY A 126 8.40 -17.44 17.61
C GLY A 126 7.47 -16.26 17.26
N TYR A 127 7.20 -16.02 15.97
CA TYR A 127 6.22 -14.90 15.62
C TYR A 127 4.81 -15.39 15.80
N VAL A 128 3.87 -14.44 16.04
CA VAL A 128 2.46 -14.74 16.07
C VAL A 128 1.92 -14.17 14.73
N THR A 129 1.24 -15.01 14.00
CA THR A 129 0.74 -14.53 12.69
C THR A 129 -0.75 -14.33 12.71
N ARG A 130 -1.21 -13.36 11.87
CA ARG A 130 -2.62 -13.05 11.83
C ARG A 130 -3.06 -13.05 10.36
N ASN A 131 -3.78 -14.08 9.98
CA ASN A 131 -4.20 -14.21 8.56
C ASN A 131 -5.50 -14.97 8.52
N ARG A 132 -5.48 -16.28 8.17
CA ARG A 132 -6.72 -16.99 8.00
C ARG A 132 -7.44 -17.23 9.32
N ASN A 133 -6.67 -17.16 10.41
CA ASN A 133 -7.26 -17.32 11.73
C ASN A 133 -8.07 -16.09 12.18
N VAL A 134 -7.94 -14.94 11.54
CA VAL A 134 -8.77 -13.80 11.91
C VAL A 134 -9.64 -13.37 10.71
N ALA A 135 -9.66 -14.18 9.65
CA ALA A 135 -10.43 -13.83 8.41
C ALA A 135 -11.95 -13.60 8.61
N ASP A 136 -12.58 -14.30 9.55
CA ASP A 136 -14.02 -14.06 9.82
C ASP A 136 -14.34 -12.67 10.24
N ALA A 137 -13.36 -11.96 10.78
CA ALA A 137 -13.60 -10.56 11.16
C ALA A 137 -13.61 -9.55 10.01
N GLY A 138 -13.41 -9.99 8.78
CA GLY A 138 -13.62 -9.13 7.61
C GLY A 138 -12.34 -8.38 7.23
N MET A 139 -12.48 -7.43 6.30
CA MET A 139 -11.29 -6.82 5.70
C MET A 139 -10.42 -6.07 6.77
N HIS A 140 -11.07 -5.54 7.83
CA HIS A 140 -10.34 -4.75 8.84
C HIS A 140 -9.83 -5.61 9.98
N ALA A 141 -9.79 -6.93 9.78
CA ALA A 141 -9.27 -7.84 10.81
C ALA A 141 -7.79 -7.54 10.98
N THR A 142 -7.19 -7.12 9.86
CA THR A 142 -5.79 -6.64 9.84
C THR A 142 -5.81 -5.13 9.39
N ILE A 143 -4.73 -4.42 9.65
CA ILE A 143 -4.69 -2.99 9.39
C ILE A 143 -4.84 -2.78 7.87
N GLN A 144 -4.00 -3.46 7.06
CA GLN A 144 -4.17 -3.36 5.59
C GLN A 144 -4.96 -4.55 5.12
N PRO A 145 -5.79 -4.38 4.10
CA PRO A 145 -6.46 -5.57 3.53
C PRO A 145 -5.43 -6.63 3.15
N ARG A 146 -5.73 -7.88 3.49
CA ARG A 146 -4.85 -9.03 3.17
C ARG A 146 -5.13 -9.60 1.78
N LEU A 147 -6.37 -9.41 1.28
CA LEU A 147 -6.68 -9.81 -0.11
C LEU A 147 -6.59 -8.58 -1.00
N ASN A 148 -5.81 -8.70 -2.10
CA ASN A 148 -5.58 -7.50 -2.91
C ASN A 148 -5.71 -7.87 -4.37
N MET A 149 -6.12 -6.91 -5.17
CA MET A 149 -6.35 -7.21 -6.65
C MET A 149 -5.16 -6.62 -7.36
N VAL A 150 -4.28 -7.47 -7.88
CA VAL A 150 -3.03 -7.05 -8.53
C VAL A 150 -2.95 -7.59 -9.96
N LEU A 151 -2.69 -6.69 -10.92
CA LEU A 151 -2.54 -6.99 -12.33
C LEU A 151 -1.04 -7.18 -12.62
N ASP A 152 -0.68 -8.40 -13.06
CA ASP A 152 0.75 -8.68 -13.38
C ASP A 152 0.95 -8.31 -14.85
N LEU A 153 1.51 -7.15 -15.11
CA LEU A 153 1.75 -6.67 -16.48
C LEU A 153 2.84 -7.49 -17.17
N THR A 154 3.67 -8.21 -16.42
CA THR A 154 4.74 -9.00 -17.12
C THR A 154 4.12 -10.17 -17.91
N LYS A 155 2.85 -10.50 -17.73
CA LYS A 155 2.25 -11.50 -18.61
C LYS A 155 1.93 -10.90 -20.04
N PHE A 156 2.15 -9.59 -20.25
CA PHE A 156 1.80 -8.93 -21.52
C PHE A 156 2.98 -8.11 -21.90
N PRO A 157 4.12 -8.78 -22.23
CA PRO A 157 5.36 -8.05 -22.50
C PRO A 157 5.28 -7.12 -23.69
N ASP A 158 4.34 -7.33 -24.60
CA ASP A 158 4.24 -6.50 -25.77
C ASP A 158 3.11 -5.49 -25.74
N ALA A 159 2.39 -5.43 -24.63
CA ALA A 159 1.26 -4.47 -24.52
C ALA A 159 1.77 -3.05 -24.65
N LYS A 160 1.10 -2.24 -25.48
CA LYS A 160 1.49 -0.88 -25.67
C LYS A 160 0.47 0.01 -24.96
N THR A 161 -0.75 -0.43 -24.95
CA THR A 161 -1.81 0.43 -24.32
C THR A 161 -2.65 -0.39 -23.42
N THR A 162 -3.39 0.28 -22.51
CA THR A 162 -4.24 -0.48 -21.57
C THR A 162 -5.16 -1.47 -22.25
N LEU A 163 -5.73 -1.09 -23.38
CA LEU A 163 -6.71 -2.00 -23.97
C LEU A 163 -6.08 -3.35 -24.44
N ASP A 164 -4.76 -3.31 -24.72
CA ASP A 164 -4.04 -4.57 -25.14
C ASP A 164 -4.09 -5.66 -24.05
N LEU A 165 -4.46 -5.31 -22.81
CA LEU A 165 -4.50 -6.31 -21.69
C LEU A 165 -5.79 -7.00 -21.50
N TYR A 166 -6.84 -6.63 -22.29
CA TYR A 166 -8.18 -6.99 -21.94
C TYR A 166 -8.97 -7.71 -23.06
N PRO A 167 -9.93 -8.55 -22.68
CA PRO A 167 -10.88 -9.13 -23.69
C PRO A 167 -11.75 -8.03 -24.24
N SER A 168 -12.33 -8.30 -25.43
CA SER A 168 -13.16 -7.31 -26.14
C SER A 168 -14.27 -6.79 -25.20
N LYS A 169 -14.90 -7.60 -24.36
CA LYS A 169 -16.03 -7.08 -23.54
C LYS A 169 -15.53 -5.99 -22.59
N THR A 170 -14.32 -6.16 -22.09
CA THR A 170 -13.72 -5.13 -21.22
C THR A 170 -13.18 -3.95 -21.96
N LYS A 171 -12.64 -4.15 -23.19
CA LYS A 171 -12.20 -3.04 -23.99
C LYS A 171 -13.45 -2.08 -24.13
N SER A 172 -14.61 -2.69 -24.35
CA SER A 172 -15.86 -1.89 -24.53
C SER A 172 -16.15 -1.02 -23.30
N LYS A 173 -15.98 -1.62 -22.12
CA LYS A 173 -16.21 -0.88 -20.84
C LYS A 173 -15.23 0.27 -20.69
N ILE A 174 -13.94 0.07 -21.01
CA ILE A 174 -12.95 1.13 -20.95
C ILE A 174 -13.13 2.23 -21.96
N LYS A 175 -13.58 1.86 -23.19
CA LYS A 175 -13.66 2.85 -24.23
C LYS A 175 -14.86 3.77 -23.89
N ARG A 176 -15.87 3.25 -23.20
CA ARG A 176 -17.19 3.96 -23.04
C ARG A 176 -16.97 5.42 -22.46
N PRO A 177 -16.30 5.57 -21.29
CA PRO A 177 -16.22 6.98 -20.83
C PRO A 177 -15.57 7.93 -21.81
N PHE A 178 -14.48 7.53 -22.48
CA PHE A 178 -13.81 8.37 -23.42
C PHE A 178 -14.76 8.75 -24.59
N ARG A 179 -15.52 7.77 -25.05
CA ARG A 179 -16.46 7.98 -26.21
C ARG A 179 -17.50 9.00 -25.76
N ASP A 180 -17.84 8.93 -24.48
CA ASP A 180 -18.83 9.85 -23.90
C ASP A 180 -18.24 11.20 -23.46
N GLY A 181 -17.01 11.54 -23.83
CA GLY A 181 -16.40 12.86 -23.54
C GLY A 181 -15.63 13.01 -22.25
N VAL A 182 -15.45 11.92 -21.52
CA VAL A 182 -14.61 12.05 -20.27
C VAL A 182 -13.17 12.18 -20.71
N GLU A 183 -12.48 13.12 -20.07
CA GLU A 183 -11.07 13.41 -20.34
C GLU A 183 -10.33 13.38 -19.02
N VAL A 184 -9.12 12.84 -19.02
CA VAL A 184 -8.37 12.69 -17.74
C VAL A 184 -7.09 13.47 -17.82
N HIS A 185 -6.81 14.29 -16.81
CA HIS A 185 -5.53 15.04 -16.71
C HIS A 185 -4.81 14.52 -15.49
N SER A 186 -3.49 14.72 -15.42
CA SER A 186 -2.85 14.28 -14.18
C SER A 186 -1.76 15.21 -13.81
N GLY A 187 -1.30 15.10 -12.57
CA GLY A 187 -0.13 15.89 -12.11
C GLY A 187 -0.06 15.70 -10.61
N ASN A 188 0.78 16.51 -9.95
CA ASN A 188 0.90 16.38 -8.47
C ASN A 188 0.99 17.77 -7.87
N SER A 189 0.14 18.67 -8.37
CA SER A 189 0.10 20.04 -7.76
C SER A 189 -1.08 20.22 -6.81
N ALA A 190 -1.17 21.41 -6.17
CA ALA A 190 -2.24 21.71 -5.28
C ALA A 190 -3.54 21.70 -6.08
N THR A 191 -3.49 22.04 -7.38
CA THR A 191 -4.76 22.05 -8.18
C THR A 191 -5.41 20.70 -8.29
N GLU A 192 -4.62 19.69 -8.63
CA GLU A 192 -5.16 18.33 -8.68
C GLU A 192 -5.51 17.79 -7.30
N LEU A 193 -4.77 18.18 -6.27
CA LEU A 193 -5.10 17.75 -4.91
C LEU A 193 -6.45 18.30 -4.54
N ASP A 194 -6.74 19.58 -4.85
CA ASP A 194 -8.05 20.10 -4.51
C ASP A 194 -9.19 19.39 -5.23
N GLU A 195 -9.01 19.05 -6.52
CA GLU A 195 -10.03 18.30 -7.25
C GLU A 195 -10.23 16.91 -6.63
N PHE A 196 -9.11 16.20 -6.36
CA PHE A 196 -9.21 14.92 -5.65
C PHE A 196 -9.99 15.11 -4.32
N PHE A 197 -9.66 16.15 -3.51
CA PHE A 197 -10.20 16.20 -2.15
C PHE A 197 -11.75 16.45 -2.19
N LYS A 198 -12.20 17.26 -3.18
CA LYS A 198 -13.64 17.45 -3.40
C LYS A 198 -14.35 16.13 -3.66
N THR A 199 -13.80 15.28 -4.55
CA THR A 199 -14.44 14.04 -4.86
C THR A 199 -14.30 13.02 -3.76
N TYR A 200 -13.19 13.10 -2.95
CA TYR A 200 -12.93 12.17 -1.88
C TYR A 200 -13.90 12.44 -0.71
N THR A 201 -14.07 13.69 -0.35
CA THR A 201 -14.98 13.99 0.78
C THR A 201 -16.41 13.71 0.31
N THR A 202 -16.72 13.89 -0.98
CA THR A 202 -18.10 13.63 -1.41
C THR A 202 -18.40 12.16 -1.37
N MET A 203 -17.46 11.34 -1.86
CA MET A 203 -17.62 9.91 -1.81
C MET A 203 -17.71 9.42 -0.35
N ALA A 204 -16.96 10.03 0.57
CA ALA A 204 -16.94 9.52 1.92
C ALA A 204 -18.30 9.76 2.62
N GLU A 205 -18.83 10.91 2.34
CA GLU A 205 -20.20 11.26 2.84
C GLU A 205 -21.22 10.35 2.26
N ARG A 206 -21.11 10.07 0.96
CA ARG A 206 -22.06 9.18 0.30
C ARG A 206 -22.03 7.75 0.79
N HIS A 207 -20.82 7.24 1.08
CA HIS A 207 -20.69 5.87 1.55
C HIS A 207 -20.81 5.73 3.05
N GLY A 208 -20.90 6.86 3.76
CA GLY A 208 -20.91 6.85 5.20
C GLY A 208 -19.61 6.23 5.74
N ILE A 209 -18.46 6.53 5.14
CA ILE A 209 -17.15 5.98 5.71
C ILE A 209 -16.32 7.14 6.20
N THR A 210 -15.34 6.84 7.03
CA THR A 210 -14.45 7.86 7.51
C THR A 210 -13.42 8.24 6.43
N HIS A 211 -12.78 9.39 6.64
CA HIS A 211 -11.92 10.04 5.59
C HIS A 211 -10.84 10.82 6.24
N ARG A 212 -9.69 10.96 5.57
CA ARG A 212 -8.55 11.64 6.16
C ARG A 212 -8.60 13.15 5.83
N PRO A 213 -7.93 14.00 6.60
CA PRO A 213 -7.97 15.45 6.36
C PRO A 213 -7.07 15.80 5.21
N ILE A 214 -7.29 16.94 4.57
CA ILE A 214 -6.49 17.29 3.38
C ILE A 214 -4.97 17.35 3.68
N GLU A 215 -4.61 17.71 4.94
CA GLU A 215 -3.20 17.85 5.28
C GLU A 215 -2.46 16.50 5.11
N TYR A 216 -3.13 15.41 5.21
CA TYR A 216 -2.45 14.03 5.04
C TYR A 216 -1.91 13.96 3.63
N PHE A 217 -2.81 14.32 2.68
CA PHE A 217 -2.39 14.32 1.27
C PHE A 217 -1.45 15.43 0.90
N GLN A 218 -1.55 16.59 1.55
CA GLN A 218 -0.53 17.62 1.28
C GLN A 218 0.85 17.14 1.76
N ARG A 219 0.89 16.43 2.88
CA ARG A 219 2.24 15.95 3.34
C ARG A 219 2.71 14.86 2.37
N MET A 220 1.79 14.09 1.87
CA MET A 220 2.22 13.10 0.84
C MET A 220 2.75 13.82 -0.41
N GLN A 221 2.03 14.83 -0.90
CA GLN A 221 2.55 15.61 -2.05
C GLN A 221 3.91 16.25 -1.82
N ALA A 222 4.17 16.69 -0.61
CA ALA A 222 5.38 17.36 -0.30
C ALA A 222 6.51 16.31 -0.25
N ALA A 223 6.19 15.11 0.17
CA ALA A 223 7.22 14.06 0.36
C ALA A 223 7.61 13.40 -0.94
N PHE A 224 6.70 13.35 -1.91
CA PHE A 224 6.93 12.50 -3.08
C PHE A 224 6.82 13.33 -4.35
N ASP A 225 7.80 13.16 -5.20
CA ASP A 225 7.81 13.95 -6.43
C ASP A 225 6.86 13.42 -7.52
N ALA A 226 6.87 14.15 -8.64
CA ALA A 226 5.81 13.98 -9.63
C ALA A 226 6.04 12.69 -10.48
N ASP A 227 7.25 12.10 -10.38
CA ASP A 227 7.48 10.78 -10.97
C ASP A 227 7.05 9.66 -10.02
N THR A 228 6.68 9.93 -8.76
CA THR A 228 6.34 8.91 -7.79
C THR A 228 4.84 9.02 -7.45
N MET A 229 4.35 10.22 -7.25
CA MET A 229 2.94 10.37 -6.87
C MET A 229 2.24 11.11 -7.99
N ARG A 230 1.06 10.58 -8.39
CA ARG A 230 0.33 11.31 -9.48
C ARG A 230 -1.14 11.21 -9.18
N ILE A 231 -1.83 12.34 -9.31
CA ILE A 231 -3.29 12.40 -9.10
C ILE A 231 -3.93 12.51 -10.47
N PHE A 232 -4.86 11.63 -10.74
CA PHE A 232 -5.54 11.61 -12.08
C PHE A 232 -6.93 12.15 -11.90
N VAL A 233 -7.34 13.08 -12.79
CA VAL A 233 -8.62 13.80 -12.57
C VAL A 233 -9.48 13.64 -13.86
N ALA A 234 -10.67 13.08 -13.69
CA ALA A 234 -11.59 12.80 -14.84
C ALA A 234 -12.70 13.84 -14.82
N GLU A 235 -12.86 14.51 -15.98
CA GLU A 235 -13.88 15.56 -16.11
C GLU A 235 -14.59 15.30 -17.43
N ARG A 236 -15.83 15.83 -17.56
CA ARG A 236 -16.48 15.81 -18.88
C ARG A 236 -16.97 17.26 -19.12
N GLU A 237 -16.48 17.89 -20.18
CA GLU A 237 -16.90 19.31 -20.55
C GLU A 237 -16.85 20.22 -19.35
N GLY A 238 -15.69 20.20 -18.73
CA GLY A 238 -15.46 20.96 -17.50
C GLY A 238 -16.25 20.60 -16.25
N LYS A 239 -16.88 19.44 -16.18
CA LYS A 239 -17.53 19.04 -14.97
C LYS A 239 -16.69 17.93 -14.29
N LEU A 240 -16.33 18.15 -13.01
CA LEU A 240 -15.51 17.13 -12.28
C LEU A 240 -16.32 15.89 -11.94
N LEU A 241 -15.74 14.70 -12.24
CA LEU A 241 -16.47 13.50 -12.07
C LEU A 241 -15.80 12.54 -11.09
N SER A 242 -14.54 12.22 -11.33
CA SER A 242 -13.92 11.22 -10.37
C SER A 242 -12.42 11.48 -10.40
N THR A 243 -11.72 10.98 -9.39
CA THR A 243 -10.23 11.17 -9.39
C THR A 243 -9.60 9.91 -8.72
N GLY A 244 -8.27 9.82 -8.83
CA GLY A 244 -7.57 8.77 -8.08
C GLY A 244 -6.15 9.17 -7.92
N ILE A 245 -5.54 8.63 -6.82
CA ILE A 245 -4.13 8.90 -6.58
C ILE A 245 -3.37 7.57 -6.71
N ALA A 246 -2.28 7.60 -7.48
CA ALA A 246 -1.47 6.39 -7.66
C ALA A 246 -0.02 6.73 -7.29
N LEU A 247 0.62 5.75 -6.66
CA LEU A 247 2.03 5.87 -6.28
C LEU A 247 2.84 4.80 -6.98
N LYS A 248 3.88 5.24 -7.65
CA LYS A 248 4.87 4.39 -8.32
C LYS A 248 6.08 4.19 -7.44
N TYR A 249 6.28 2.93 -7.05
CA TYR A 249 7.40 2.62 -6.12
C TYR A 249 7.74 1.15 -6.25
N GLY A 250 9.03 0.85 -6.29
CA GLY A 250 9.43 -0.58 -6.42
C GLY A 250 8.86 -1.17 -7.72
N ARG A 251 8.34 -2.38 -7.62
CA ARG A 251 7.85 -3.12 -8.81
C ARG A 251 6.39 -2.77 -9.13
N LYS A 252 5.77 -1.74 -8.50
CA LYS A 252 4.28 -1.56 -8.76
C LYS A 252 3.91 -0.12 -8.85
N ILE A 253 2.80 0.10 -9.55
CA ILE A 253 2.08 1.40 -9.42
C ILE A 253 0.84 0.98 -8.66
N TRP A 254 0.56 1.70 -7.54
CA TRP A 254 -0.54 1.32 -6.65
C TRP A 254 -1.58 2.41 -6.66
N TYR A 255 -2.81 1.99 -7.02
CA TYR A 255 -4.00 2.87 -6.96
C TYR A 255 -4.39 2.90 -5.50
N MET A 256 -4.14 4.05 -4.84
CA MET A 256 -4.23 4.10 -3.37
C MET A 256 -5.47 4.78 -2.81
N TYR A 257 -5.89 5.87 -3.48
CA TYR A 257 -7.04 6.66 -3.01
CA TYR A 257 -7.04 6.68 -2.99
C TYR A 257 -7.90 7.08 -4.20
N ALA A 258 -9.18 7.28 -3.97
CA ALA A 258 -10.03 7.70 -5.09
C ALA A 258 -11.24 8.45 -4.57
N GLY A 259 -11.81 9.30 -5.43
CA GLY A 259 -13.19 9.81 -5.04
C GLY A 259 -14.02 9.97 -6.30
N SER A 260 -15.32 10.10 -6.12
CA SER A 260 -16.18 10.35 -7.28
C SER A 260 -17.36 11.17 -6.77
N MET A 261 -17.89 11.99 -7.67
CA MET A 261 -19.09 12.81 -7.37
C MET A 261 -20.34 11.98 -7.35
N ASP A 262 -21.44 12.55 -6.79
CA ASP A 262 -22.68 11.81 -6.72
C ASP A 262 -23.32 11.73 -8.14
N GLY A 263 -24.24 10.77 -8.22
CA GLY A 263 -25.07 10.50 -9.39
C GLY A 263 -24.20 9.97 -10.52
N ASN A 264 -24.49 10.43 -11.72
CA ASN A 264 -23.87 9.81 -12.91
C ASN A 264 -22.43 10.26 -13.12
N THR A 265 -21.50 9.32 -13.17
CA THR A 265 -20.09 9.71 -13.29
C THR A 265 -19.60 9.30 -14.71
N TYR A 266 -20.53 8.93 -15.65
CA TYR A 266 -20.16 8.60 -17.04
C TYR A 266 -19.04 7.56 -17.15
N TYR A 267 -18.97 6.68 -16.18
CA TYR A 267 -17.86 5.65 -16.09
C TYR A 267 -16.50 6.27 -15.95
N ALA A 268 -16.43 7.49 -15.43
CA ALA A 268 -15.11 8.14 -15.27
C ALA A 268 -14.12 7.31 -14.45
N PRO A 269 -14.60 6.55 -13.44
CA PRO A 269 -13.62 5.73 -12.64
C PRO A 269 -12.91 4.75 -13.52
N TYR A 270 -13.55 4.30 -14.61
CA TYR A 270 -12.84 3.34 -15.53
C TYR A 270 -11.79 4.10 -16.32
N ALA A 271 -12.04 5.38 -16.68
CA ALA A 271 -11.09 6.17 -17.49
C ALA A 271 -9.87 6.46 -16.60
N VAL A 272 -10.10 6.67 -15.29
CA VAL A 272 -8.96 6.92 -14.34
C VAL A 272 -8.10 5.63 -14.27
N GLN A 273 -8.76 4.47 -14.13
CA GLN A 273 -8.00 3.19 -14.09
C GLN A 273 -7.20 3.07 -15.38
N SER A 274 -7.84 3.36 -16.52
CA SER A 274 -7.11 3.12 -17.80
C SER A 274 -5.87 3.98 -17.86
N GLU A 275 -5.92 5.23 -17.36
CA GLU A 275 -4.77 6.07 -17.45
C GLU A 275 -3.65 5.68 -16.45
N MET A 276 -4.08 5.22 -15.27
CA MET A 276 -3.08 4.74 -14.27
C MET A 276 -2.33 3.50 -14.86
N ILE A 277 -3.12 2.62 -15.45
CA ILE A 277 -2.57 1.39 -16.12
C ILE A 277 -1.59 1.83 -17.21
N GLN A 278 -2.01 2.87 -17.95
CA GLN A 278 -1.15 3.37 -19.03
C GLN A 278 0.21 3.87 -18.49
N TRP A 279 0.18 4.56 -17.34
CA TRP A 279 1.38 4.98 -16.66
C TRP A 279 2.27 3.79 -16.35
N ALA A 280 1.68 2.72 -15.83
CA ALA A 280 2.46 1.50 -15.47
C ALA A 280 3.10 0.93 -16.74
N LEU A 281 2.34 0.88 -17.82
CA LEU A 281 2.93 0.33 -19.08
C LEU A 281 4.03 1.25 -19.58
N ASP A 282 3.82 2.56 -19.61
CA ASP A 282 4.80 3.52 -20.14
C ASP A 282 6.10 3.53 -19.35
N THR A 283 6.08 3.13 -18.08
CA THR A 283 7.25 3.07 -17.21
C THR A 283 7.82 1.66 -17.02
N ASN A 284 7.30 0.70 -17.77
CA ASN A 284 7.70 -0.73 -17.78
C ASN A 284 7.63 -1.27 -16.42
N THR A 285 6.57 -0.87 -15.70
CA THR A 285 6.39 -1.38 -14.29
C THR A 285 5.78 -2.79 -14.30
N ASP A 286 6.27 -3.69 -13.42
CA ASP A 286 5.78 -5.07 -13.40
C ASP A 286 4.33 -5.26 -12.97
N LEU A 287 3.87 -4.50 -11.92
CA LEU A 287 2.59 -4.74 -11.34
C LEU A 287 1.75 -3.45 -11.26
N TYR A 288 0.45 -3.64 -11.41
CA TYR A 288 -0.50 -2.58 -11.10
C TYR A 288 -1.42 -3.08 -10.01
N ASP A 289 -1.38 -2.40 -8.84
CA ASP A 289 -2.09 -2.88 -7.65
C ASP A 289 -3.32 -2.03 -7.42
N LEU A 290 -4.51 -2.64 -7.54
CA LEU A 290 -5.77 -1.89 -7.20
C LEU A 290 -6.11 -2.03 -5.76
N GLY A 291 -5.32 -2.76 -5.03
CA GLY A 291 -5.42 -2.77 -3.57
C GLY A 291 -6.61 -3.64 -3.11
N GLY A 292 -7.08 -3.34 -1.92
CA GLY A 292 -7.80 -4.35 -1.18
C GLY A 292 -9.20 -4.66 -1.53
N ILE A 293 -9.62 -5.87 -1.17
CA ILE A 293 -11.06 -6.17 -1.18
C ILE A 293 -11.37 -6.90 0.10
N GLU A 294 -12.66 -7.14 0.36
CA GLU A 294 -13.06 -7.94 1.52
C GLU A 294 -13.19 -9.42 1.19
N SER A 295 -13.87 -9.74 0.09
CA SER A 295 -13.98 -11.12 -0.32
C SER A 295 -14.09 -11.20 -1.84
N GLU A 296 -13.66 -12.37 -2.32
CA GLU A 296 -13.69 -12.68 -3.71
C GLU A 296 -15.08 -13.12 -4.03
N SER A 297 -15.96 -12.15 -4.13
CA SER A 297 -17.41 -12.39 -4.15
C SER A 297 -18.12 -11.26 -4.84
N THR A 298 -19.16 -11.59 -5.60
CA THR A 298 -19.96 -10.57 -6.27
C THR A 298 -20.82 -9.74 -5.28
N ASP A 299 -20.95 -10.20 -4.02
CA ASP A 299 -21.49 -9.43 -2.90
C ASP A 299 -20.58 -8.27 -2.43
N ASP A 300 -19.28 -8.30 -2.81
CA ASP A 300 -18.31 -7.28 -2.37
C ASP A 300 -18.13 -6.21 -3.47
N SER A 301 -18.61 -4.99 -3.25
CA SER A 301 -18.64 -4.02 -4.37
C SER A 301 -17.18 -3.61 -4.75
N LEU A 302 -16.22 -3.77 -3.83
CA LEU A 302 -14.80 -3.42 -4.10
C LEU A 302 -14.28 -4.48 -5.07
N TYR A 303 -14.62 -5.72 -4.83
CA TYR A 303 -14.21 -6.77 -5.80
C TYR A 303 -14.92 -6.65 -7.16
N VAL A 304 -16.22 -6.31 -7.16
CA VAL A 304 -16.93 -6.19 -8.46
C VAL A 304 -16.25 -5.15 -9.37
N PHE A 305 -15.84 -4.03 -8.81
CA PHE A 305 -15.19 -2.96 -9.60
C PHE A 305 -13.80 -3.42 -10.03
N LYS A 306 -13.04 -3.96 -9.09
CA LYS A 306 -11.62 -4.29 -9.39
C LYS A 306 -11.48 -5.51 -10.29
N HIS A 307 -12.46 -6.42 -10.28
CA HIS A 307 -12.43 -7.57 -11.17
C HIS A 307 -12.64 -7.21 -12.66
N VAL A 308 -13.15 -6.00 -12.91
CA VAL A 308 -13.15 -5.45 -14.31
C VAL A 308 -11.69 -5.45 -14.84
N PHE A 309 -10.75 -5.10 -13.98
CA PHE A 309 -9.36 -4.82 -14.36
C PHE A 309 -8.36 -5.98 -14.08
N VAL A 310 -8.77 -6.80 -13.09
CA VAL A 310 -7.93 -7.93 -12.64
C VAL A 310 -8.74 -9.24 -12.74
N LYS A 311 -8.46 -10.03 -13.79
CA LYS A 311 -9.21 -11.26 -13.98
C LYS A 311 -8.61 -12.41 -13.22
N ASP A 312 -7.32 -12.31 -12.87
CA ASP A 312 -6.72 -13.31 -11.98
C ASP A 312 -7.31 -13.26 -10.60
N ALA A 313 -7.12 -14.34 -9.86
CA ALA A 313 -7.50 -14.38 -8.50
C ALA A 313 -6.76 -13.25 -7.72
N PRO A 314 -7.41 -12.76 -6.71
CA PRO A 314 -6.77 -11.78 -5.81
C PRO A 314 -5.56 -12.40 -5.19
N ARG A 315 -4.50 -11.60 -4.94
CA ARG A 315 -3.35 -12.10 -4.13
C ARG A 315 -3.82 -12.18 -2.69
N GLU A 316 -3.43 -13.22 -1.98
CA GLU A 316 -3.76 -13.34 -0.58
C GLU A 316 -2.41 -13.30 0.13
N TYR A 317 -2.18 -12.32 0.97
CA TYR A 317 -0.87 -12.20 1.60
C TYR A 317 -0.75 -12.92 2.96
N ILE A 318 0.47 -12.99 3.47
CA ILE A 318 0.67 -13.67 4.74
C ILE A 318 0.00 -12.96 5.89
N GLY A 319 -0.37 -11.68 5.73
CA GLY A 319 -1.06 -10.99 6.84
C GLY A 319 -0.07 -10.36 7.79
N GLU A 320 -0.45 -10.24 9.07
CA GLU A 320 0.38 -9.51 10.04
C GLU A 320 1.33 -10.48 10.76
N ILE A 321 2.60 -10.14 10.82
CA ILE A 321 3.55 -10.99 11.50
C ILE A 321 3.93 -10.16 12.72
N ASP A 322 3.75 -10.70 13.92
CA ASP A 322 3.94 -9.90 15.19
C ASP A 322 5.09 -10.51 15.98
N LYS A 323 6.14 -9.73 16.18
CA LYS A 323 7.18 -10.09 17.15
C LYS A 323 6.67 -9.55 18.48
N VAL A 324 6.27 -10.46 19.36
CA VAL A 324 5.64 -10.07 20.68
C VAL A 324 6.78 -9.67 21.64
N LEU A 325 6.71 -8.46 22.21
CA LEU A 325 7.82 -8.01 23.06
C LEU A 325 7.29 -7.90 24.52
N ASP A 326 6.08 -7.39 24.72
CA ASP A 326 5.42 -7.39 26.05
C ASP A 326 4.20 -8.23 25.98
N PRO A 327 4.25 -9.50 26.44
CA PRO A 327 3.17 -10.38 26.17
C PRO A 327 1.90 -10.03 26.99
N GLU A 328 2.10 -9.39 28.15
CA GLU A 328 0.92 -9.02 28.98
C GLU A 328 0.06 -7.96 28.19
N VAL A 329 0.74 -6.92 27.72
CA VAL A 329 0.08 -5.88 26.87
C VAL A 329 -0.41 -6.44 25.53
N TYR A 330 0.38 -7.35 24.91
CA TYR A 330 -0.08 -7.97 23.67
C TYR A 330 -1.42 -8.67 23.85
N ALA A 331 -1.60 -9.47 24.96
CA ALA A 331 -2.83 -10.16 25.20
C ALA A 331 -4.00 -9.16 25.48
N GLU A 332 -3.64 -8.04 26.07
CA GLU A 332 -4.74 -7.00 26.35
C GLU A 332 -5.22 -6.39 25.06
N LEU A 333 -4.28 -6.08 24.15
CA LEU A 333 -4.57 -5.23 22.97
C LEU A 333 -4.85 -5.99 21.68
N VAL A 334 -4.49 -7.26 21.57
CA VAL A 334 -4.58 -7.97 20.31
C VAL A 334 -5.38 -9.26 20.50
N LYS A 335 -6.36 -9.53 19.63
CA LYS A 335 -7.13 -10.79 19.74
C LYS A 335 -6.73 -11.75 18.64
N ASP A 336 -6.64 -13.04 18.95
CA ASP A 336 -6.05 -13.98 17.93
C ASP A 336 -7.07 -14.68 17.04
N GLY A 337 -8.35 -14.34 17.15
CA GLY A 337 -9.35 -14.91 16.26
C GLY A 337 -9.96 -16.19 16.84
N HIS A 338 -9.38 -16.70 17.95
CA HIS A 338 -9.86 -17.87 18.77
C HIS A 338 -11.33 -17.87 18.89
N ALA B 1 -10.27 4.90 9.69
CA ALA B 1 -10.75 3.55 10.07
C ALA B 1 -11.53 2.80 8.98
N CYS B 3 -9.37 2.29 4.40
CA CYS B 3 -8.86 1.07 3.68
C CYS B 3 -7.35 1.05 4.00
#